data_2MQT
#
_entry.id   2MQT
#
_cell.length_a   1.000
_cell.length_b   1.000
_cell.length_c   1.000
_cell.angle_alpha   90.00
_cell.angle_beta   90.00
_cell.angle_gamma   90.00
#
_symmetry.space_group_name_H-M   'P 1'
#
_entity_poly.entity_id   1
_entity_poly.type   'polyribonucleotide'
_entity_poly.pdbx_seq_one_letter_code
;GGGCGAGGGUCUCCUCUGAGUGAUUGACUACCCGUCAGCGGGGGUCUUUCAUUUGGGGGCUCGUGCCC
;
_entity_poly.pdbx_strand_id   A
#
loop_
_chem_comp.id
_chem_comp.type
_chem_comp.name
_chem_comp.formula
A RNA linking ADENOSINE-5'-MONOPHOSPHATE 'C10 H14 N5 O7 P'
C RNA linking CYTIDINE-5'-MONOPHOSPHATE 'C9 H14 N3 O8 P'
G RNA linking GUANOSINE-5'-MONOPHOSPHATE 'C10 H14 N5 O8 P'
U RNA linking URIDINE-5'-MONOPHOSPHATE 'C9 H13 N2 O9 P'
#